data_9Q1N
#
_entry.id   9Q1N
#
_cell.length_a   119.593
_cell.length_b   61.467
_cell.length_c   80.174
_cell.angle_alpha   90.000
_cell.angle_beta   117.774
_cell.angle_gamma   90.000
#
_symmetry.space_group_name_H-M   'C 1 2 1'
#
loop_
_entity.id
_entity.type
_entity.pdbx_description
1 polymer 'Transcriptional enhancer factor TEF-4'
2 non-polymer 1-{4-[4-(trifluoromethyl)anilino]-1,3-dihydro-2H-isoindol-2-yl}propan-1-one
3 water water
#
_entity_poly.entity_id   1
_entity_poly.type   'polypeptide(L)'
_entity_poly.pdbx_seq_one_letter_code
;GHMAWQARGLGTARLQLVEFSAFVEPPDAVDSYQRHLFVHISQHCPSPGAPPLESVDVRQIYDKFPEKKGGLRELYDRGP
PHAFFLVKFWADLNWGPSGEEAGAGGSISSGGFYGVSSQYESLEHMTLTCSSKVCSFGKQVVEKVETERAQLEDGRFVYR
LLRSPMCEYLVNFLHKLRQLPERYMMNSVLENFTILQVVTNRDTQELLLCTAYVFEVSTSERGAQHHIYRLVRD
;
_entity_poly.pdbx_strand_id   B,A
#
loop_
_chem_comp.id
_chem_comp.type
_chem_comp.name
_chem_comp.formula
EI2 non-polymer 1-{4-[4-(trifluoromethyl)anilino]-1,3-dihydro-2H-isoindol-2-yl}propan-1-one 'C18 H17 F3 N2 O'
#
# COMPACT_ATOMS: atom_id res chain seq x y z
N TRP A 5 -5.89 -1.87 32.98
CA TRP A 5 -6.24 -2.63 31.78
C TRP A 5 -5.20 -2.44 30.69
N GLN A 6 -3.94 -2.34 31.07
CA GLN A 6 -2.89 -1.88 30.17
C GLN A 6 -2.26 -3.06 29.43
N ALA A 7 -1.63 -2.75 28.31
CA ALA A 7 -1.21 -3.80 27.37
C ALA A 7 -0.02 -4.57 27.93
N ARG A 8 -0.05 -5.88 27.75
CA ARG A 8 1.03 -6.75 28.21
C ARG A 8 1.85 -7.35 27.07
N GLY A 9 1.40 -7.23 25.83
CA GLY A 9 2.27 -7.24 24.68
C GLY A 9 1.68 -6.40 23.56
N LEU A 10 2.09 -6.69 22.33
CA LEU A 10 1.70 -5.89 21.19
C LEU A 10 0.32 -6.35 20.73
N GLY A 11 -0.70 -5.70 21.26
CA GLY A 11 -2.04 -5.87 20.72
C GLY A 11 -3.08 -5.22 21.59
N THR A 12 -4.31 -5.34 21.14
CA THR A 12 -5.48 -4.94 21.91
C THR A 12 -6.39 -6.16 22.06
N ALA A 13 -7.35 -6.05 22.99
CA ALA A 13 -8.36 -7.09 23.14
C ALA A 13 -9.12 -7.28 21.84
N ARG A 14 -8.97 -6.34 20.91
CA ARG A 14 -9.67 -6.34 19.64
C ARG A 14 -8.83 -6.81 18.47
N LEU A 15 -7.50 -6.75 18.58
CA LEU A 15 -6.61 -7.33 17.58
C LEU A 15 -5.26 -7.55 18.23
N GLN A 16 -4.78 -8.78 18.22
CA GLN A 16 -3.47 -9.11 18.77
C GLN A 16 -2.54 -9.56 17.65
N LEU A 17 -1.27 -9.18 17.78
CA LEU A 17 -0.22 -9.72 16.94
C LEU A 17 0.21 -11.10 17.47
N VAL A 18 0.05 -12.12 16.63
CA VAL A 18 0.57 -13.44 16.97
C VAL A 18 2.06 -13.53 16.65
N GLU A 19 2.44 -13.18 15.41
CA GLU A 19 3.83 -13.30 15.00
C GLU A 19 4.13 -12.38 13.83
N PHE A 20 5.29 -11.72 13.91
CA PHE A 20 5.82 -10.95 12.80
C PHE A 20 7.27 -11.35 12.57
N SER A 21 7.68 -11.37 11.30
CA SER A 21 9.07 -11.63 10.95
C SER A 21 9.36 -11.01 9.58
N ALA A 22 10.59 -10.52 9.43
CA ALA A 22 11.19 -10.22 8.13
C ALA A 22 12.41 -11.10 7.93
N PHE A 23 12.51 -11.71 6.75
CA PHE A 23 13.42 -12.83 6.57
C PHE A 23 13.90 -12.89 5.13
N VAL A 24 15.03 -13.58 4.93
CA VAL A 24 15.50 -14.02 3.62
C VAL A 24 15.72 -15.53 3.66
N GLU A 25 15.16 -16.23 2.67
CA GLU A 25 15.58 -17.60 2.36
C GLU A 25 16.64 -17.56 1.26
N PRO A 26 17.81 -18.13 1.47
CA PRO A 26 18.82 -18.20 0.40
C PRO A 26 18.38 -19.14 -0.70
N PRO A 27 18.93 -19.01 -1.91
CA PRO A 27 18.52 -19.90 -3.01
C PRO A 27 18.81 -21.37 -2.74
N ASP A 28 19.81 -21.68 -1.92
CA ASP A 28 20.05 -23.08 -1.55
C ASP A 28 19.02 -23.62 -0.58
N ALA A 29 17.93 -22.88 -0.29
CA ALA A 29 16.93 -23.38 0.65
C ALA A 29 16.14 -24.54 0.09
N VAL A 30 16.01 -24.63 -1.24
CA VAL A 30 15.34 -25.79 -1.84
C VAL A 30 16.14 -27.06 -1.59
N ASP A 31 17.46 -26.97 -1.52
CA ASP A 31 18.27 -28.13 -1.22
C ASP A 31 18.11 -28.58 0.23
N SER A 32 18.48 -27.72 1.18
CA SER A 32 18.05 -27.84 2.56
C SER A 32 17.56 -26.50 3.06
N TYR A 33 16.40 -26.48 3.70
CA TYR A 33 15.72 -25.23 3.98
C TYR A 33 16.38 -24.50 5.13
N GLN A 34 16.52 -23.19 4.98
CA GLN A 34 16.91 -22.31 6.07
C GLN A 34 16.32 -20.93 5.81
N ARG A 35 16.10 -20.18 6.88
CA ARG A 35 15.74 -18.77 6.78
C ARG A 35 16.54 -17.97 7.78
N HIS A 36 16.85 -16.73 7.41
CA HIS A 36 17.47 -15.76 8.30
C HIS A 36 16.44 -14.71 8.68
N LEU A 37 16.25 -14.53 9.99
CA LEU A 37 15.39 -13.46 10.48
C LEU A 37 16.20 -12.18 10.66
N PHE A 38 15.85 -11.14 9.91
CA PHE A 38 16.29 -9.79 10.26
C PHE A 38 15.66 -9.32 11.56
N VAL A 39 14.33 -9.47 11.67
CA VAL A 39 13.58 -9.01 12.84
C VAL A 39 12.45 -10.01 13.07
N HIS A 40 12.01 -10.11 14.34
CA HIS A 40 11.12 -11.18 14.72
C HIS A 40 10.38 -10.85 16.02
N ILE A 41 9.05 -10.81 15.97
CA ILE A 41 8.20 -10.82 17.16
C ILE A 41 7.35 -12.08 17.12
N SER A 42 7.39 -12.85 18.21
CA SER A 42 6.52 -14.00 18.41
C SER A 42 5.71 -13.80 19.69
N GLN A 43 4.39 -13.97 19.59
CA GLN A 43 3.49 -13.92 20.74
C GLN A 43 2.52 -15.08 20.71
N HIS A 44 2.95 -16.19 20.09
CA HIS A 44 2.24 -17.47 20.24
C HIS A 44 2.12 -17.86 21.72
N CYS A 45 3.16 -17.58 22.50
CA CYS A 45 3.17 -17.71 23.96
C CYS A 45 1.85 -17.38 24.63
N PRO A 51 3.38 -9.07 32.89
CA PRO A 51 3.95 -7.76 33.23
C PRO A 51 3.56 -6.66 32.24
N PRO A 52 3.28 -5.46 32.75
CA PRO A 52 2.89 -4.36 31.86
C PRO A 52 4.08 -3.80 31.08
N LEU A 53 3.76 -3.12 29.98
CA LEU A 53 4.76 -2.68 29.03
C LEU A 53 5.20 -1.25 29.36
N GLU A 54 6.51 -1.02 29.28
CA GLU A 54 7.05 0.33 29.38
C GLU A 54 6.49 1.22 28.28
N SER A 55 6.51 2.52 28.52
CA SER A 55 5.81 3.48 27.68
C SER A 55 6.80 4.50 27.13
N VAL A 56 6.42 5.09 25.99
CA VAL A 56 7.18 6.16 25.37
C VAL A 56 6.21 7.25 24.92
N ASP A 57 6.56 8.50 25.16
CA ASP A 57 5.68 9.61 24.82
C ASP A 57 5.74 9.87 23.33
N VAL A 58 4.59 9.81 22.65
CA VAL A 58 4.56 9.74 21.20
C VAL A 58 5.10 11.02 20.57
N ARG A 59 5.04 12.14 21.30
CA ARG A 59 5.60 13.39 20.79
C ARG A 59 7.10 13.28 20.56
N GLN A 60 7.78 12.43 21.33
CA GLN A 60 9.22 12.26 21.18
C GLN A 60 9.62 11.69 19.83
N ILE A 61 8.68 11.11 19.07
CA ILE A 61 9.01 10.43 17.82
C ILE A 61 8.10 10.93 16.71
N TYR A 62 7.45 12.08 16.93
CA TYR A 62 6.74 12.75 15.85
C TYR A 62 7.66 13.01 14.66
N ASP A 63 8.87 13.49 14.92
CA ASP A 63 9.74 14.00 13.88
C ASP A 63 10.26 12.90 12.96
N LYS A 64 10.25 11.64 13.40
CA LYS A 64 10.82 10.53 12.64
C LYS A 64 9.83 9.93 11.65
N PHE A 65 8.72 10.62 11.36
CA PHE A 65 7.57 10.08 10.71
C PHE A 65 6.83 11.15 9.90
N PRO A 66 5.95 10.72 8.95
CA PRO A 66 5.68 11.58 7.78
C PRO A 66 4.97 12.90 8.09
N GLU A 67 4.42 13.06 9.31
CA GLU A 67 3.88 14.35 9.78
C GLU A 67 2.97 14.99 8.73
N LYS A 68 2.15 14.17 8.09
CA LYS A 68 0.95 14.64 7.40
C LYS A 68 -0.05 13.49 7.43
N LYS A 69 -1.08 13.54 6.59
CA LYS A 69 -2.12 12.54 6.61
C LYS A 69 -1.54 11.15 6.34
N GLY A 70 -1.90 10.20 7.20
CA GLY A 70 -1.16 8.97 7.35
C GLY A 70 -0.15 8.96 8.48
N GLY A 71 0.15 10.12 9.07
CA GLY A 71 1.31 10.27 9.92
C GLY A 71 0.96 10.16 11.39
N LEU A 72 2.02 9.99 12.20
CA LEU A 72 1.83 9.51 13.56
C LEU A 72 1.09 10.51 14.43
N ARG A 73 1.30 11.81 14.18
CA ARG A 73 0.50 12.84 14.83
C ARG A 73 -0.99 12.62 14.63
N GLU A 74 -1.45 12.60 13.38
CA GLU A 74 -2.88 12.50 13.08
C GLU A 74 -3.47 11.21 13.64
N LEU A 75 -2.78 10.09 13.41
CA LEU A 75 -3.36 8.79 13.73
C LEU A 75 -3.62 8.67 15.23
N TYR A 76 -2.69 9.19 16.05
CA TYR A 76 -2.95 9.30 17.48
C TYR A 76 -4.17 10.16 17.76
N ASP A 77 -4.31 11.27 17.03
CA ASP A 77 -5.47 12.15 17.24
C ASP A 77 -6.77 11.48 16.82
N ARG A 78 -6.73 10.59 15.84
CA ARG A 78 -7.89 9.74 15.56
C ARG A 78 -8.22 8.86 16.77
N GLY A 79 -7.20 8.38 17.46
CA GLY A 79 -7.37 7.31 18.42
C GLY A 79 -7.63 5.98 17.75
N PRO A 80 -7.92 4.95 18.56
CA PRO A 80 -7.78 5.00 20.02
C PRO A 80 -6.32 4.93 20.48
N PRO A 81 -5.98 5.70 21.52
CA PRO A 81 -4.56 5.77 21.93
C PRO A 81 -3.99 4.43 22.34
N HIS A 82 -4.81 3.56 22.92
CA HIS A 82 -4.38 2.26 23.41
C HIS A 82 -4.04 1.29 22.28
N ALA A 83 -4.13 1.69 21.02
CA ALA A 83 -3.73 0.85 19.90
C ALA A 83 -2.30 1.12 19.44
N PHE A 84 -1.58 2.00 20.11
CA PHE A 84 -0.35 2.59 19.58
C PHE A 84 0.85 2.04 20.32
N PHE A 85 1.85 1.60 19.57
CA PHE A 85 3.01 0.94 20.13
C PHE A 85 4.26 1.44 19.40
N LEU A 86 5.40 1.31 20.07
CA LEU A 86 6.71 1.46 19.44
C LEU A 86 7.47 0.15 19.58
N VAL A 87 8.14 -0.25 18.50
CA VAL A 87 9.03 -1.40 18.51
C VAL A 87 10.43 -0.91 18.16
N LYS A 88 11.35 -1.01 19.12
CA LYS A 88 12.78 -0.91 18.85
C LYS A 88 13.29 -2.26 18.37
N PHE A 89 13.73 -2.32 17.11
CA PHE A 89 14.35 -3.52 16.54
C PHE A 89 15.86 -3.38 16.53
N TRP A 90 16.56 -4.43 16.96
CA TRP A 90 17.97 -4.65 16.60
C TRP A 90 18.01 -5.70 15.49
N ALA A 91 18.23 -5.24 14.26
CA ALA A 91 18.22 -6.12 13.10
C ALA A 91 19.49 -6.94 13.01
N ASP A 92 19.35 -8.16 12.51
CA ASP A 92 20.46 -9.10 12.34
C ASP A 92 20.86 -9.15 10.87
N LEU A 93 22.10 -8.75 10.58
CA LEU A 93 22.53 -8.44 9.22
C LEU A 93 23.70 -9.28 8.76
N ASN A 94 24.05 -10.35 9.47
CA ASN A 94 24.99 -11.34 8.97
C ASN A 94 24.20 -12.46 8.29
N TRP A 95 24.28 -12.51 6.96
CA TRP A 95 23.82 -13.68 6.22
C TRP A 95 24.51 -13.77 4.87
N GLY A 111 19.71 -12.78 -4.57
CA GLY A 111 18.73 -13.48 -5.40
C GLY A 111 17.93 -14.52 -4.64
N GLY A 112 18.02 -14.50 -3.32
CA GLY A 112 17.10 -15.24 -2.49
C GLY A 112 15.75 -14.57 -2.42
N PHE A 113 14.85 -15.19 -1.66
CA PHE A 113 13.51 -14.64 -1.42
C PHE A 113 13.54 -13.80 -0.14
N TYR A 114 13.15 -12.54 -0.26
CA TYR A 114 13.08 -11.62 0.87
C TYR A 114 11.62 -11.39 1.21
N GLY A 115 11.23 -11.70 2.44
CA GLY A 115 9.85 -11.93 2.78
C GLY A 115 9.47 -11.22 4.06
N VAL A 116 8.18 -10.93 4.18
CA VAL A 116 7.57 -10.47 5.42
C VAL A 116 6.33 -11.32 5.69
N SER A 117 6.15 -11.75 6.95
CA SER A 117 4.94 -12.44 7.35
C SER A 117 4.38 -11.81 8.63
N SER A 118 3.09 -11.49 8.59
CA SER A 118 2.35 -11.05 9.76
C SER A 118 1.23 -12.05 10.05
N GLN A 119 0.87 -12.17 11.32
CA GLN A 119 -0.29 -12.96 11.71
C GLN A 119 -0.98 -12.30 12.89
N TYR A 120 -2.31 -12.13 12.79
CA TYR A 120 -3.10 -11.46 13.80
C TYR A 120 -4.25 -12.36 14.24
N GLU A 121 -4.69 -12.17 15.48
CA GLU A 121 -5.85 -12.84 16.02
C GLU A 121 -6.88 -11.82 16.48
N SER A 122 -8.16 -12.17 16.35
CA SER A 122 -9.22 -11.40 16.95
C SER A 122 -10.35 -12.36 17.36
N LEU A 123 -11.24 -11.83 18.22
CA LEU A 123 -12.54 -12.43 18.46
C LEU A 123 -13.58 -11.98 17.45
N GLU A 124 -13.35 -10.85 16.78
CA GLU A 124 -14.23 -10.37 15.71
C GLU A 124 -13.87 -11.05 14.40
N HIS A 125 -14.89 -11.38 13.62
CA HIS A 125 -14.69 -11.54 12.17
C HIS A 125 -14.66 -10.15 11.56
N MET A 126 -13.50 -9.76 11.05
CA MET A 126 -13.28 -8.46 10.44
C MET A 126 -12.60 -8.67 9.10
N THR A 127 -12.48 -7.60 8.33
CA THR A 127 -11.55 -7.53 7.21
C THR A 127 -10.52 -6.43 7.48
N LEU A 128 -9.27 -6.83 7.61
CA LEU A 128 -8.20 -5.89 7.91
C LEU A 128 -7.74 -5.19 6.63
N THR A 129 -7.40 -3.91 6.76
CA THR A 129 -6.47 -3.24 5.86
C THR A 129 -5.14 -3.04 6.58
N CYS A 130 -4.06 -3.45 5.92
CA CYS A 130 -2.73 -3.46 6.53
C CYS A 130 -1.81 -2.57 5.69
N SER A 131 -1.52 -1.38 6.22
CA SER A 131 -0.59 -0.46 5.61
C SER A 131 0.78 -0.55 6.27
N SER A 132 1.83 -0.54 5.46
CA SER A 132 3.19 -0.33 5.93
C SER A 132 3.80 0.84 5.19
N LYS A 133 4.04 1.95 5.88
CA LYS A 133 4.75 3.09 5.34
C LYS A 133 6.21 3.01 5.78
N VAL A 134 7.12 2.98 4.79
CA VAL A 134 8.53 3.14 5.06
C VAL A 134 8.89 4.62 4.91
N CYS A 135 9.42 5.20 5.97
CA CYS A 135 9.79 6.60 6.01
C CYS A 135 11.31 6.70 6.21
N SER A 136 11.98 7.43 5.32
CA SER A 136 13.43 7.51 5.31
C SER A 136 13.83 8.97 5.41
N PHE A 137 14.48 9.33 6.53
CA PHE A 137 14.46 10.70 7.06
C PHE A 137 13.03 11.19 7.24
N GLY A 138 12.19 10.34 7.83
CA GLY A 138 10.85 10.75 8.23
C GLY A 138 9.92 11.10 7.08
N LYS A 139 10.00 10.34 5.98
CA LYS A 139 9.52 10.82 4.69
C LYS A 139 9.23 9.62 3.81
N GLN A 140 8.02 9.57 3.25
CA GLN A 140 7.41 8.29 2.90
C GLN A 140 7.98 7.80 1.59
N VAL A 141 8.82 6.76 1.67
CA VAL A 141 9.52 6.29 0.47
C VAL A 141 8.66 5.27 -0.27
N VAL A 142 8.13 4.28 0.44
CA VAL A 142 7.20 3.31 -0.13
C VAL A 142 6.07 3.07 0.86
N GLU A 143 4.87 2.89 0.33
CA GLU A 143 3.73 2.40 1.08
C GLU A 143 3.20 1.14 0.43
N LYS A 144 3.07 0.09 1.23
CA LYS A 144 2.40 -1.12 0.78
C LYS A 144 1.12 -1.33 1.59
N VAL A 145 0.02 -1.61 0.90
CA VAL A 145 -1.27 -1.83 1.54
C VAL A 145 -1.84 -3.16 1.05
N GLU A 146 -2.10 -4.07 1.97
CA GLU A 146 -2.82 -5.31 1.69
C GLU A 146 -4.07 -5.35 2.55
N THR A 147 -5.16 -5.87 1.99
CA THR A 147 -6.31 -6.28 2.78
C THR A 147 -6.29 -7.78 3.00
N GLU A 148 -6.80 -8.19 4.17
CA GLU A 148 -6.83 -9.59 4.57
C GLU A 148 -8.08 -9.83 5.41
N ARG A 149 -8.58 -11.07 5.35
CA ARG A 149 -9.93 -11.38 5.79
C ARG A 149 -9.90 -12.65 6.63
N ALA A 150 -10.84 -12.75 7.56
CA ALA A 150 -10.64 -13.58 8.74
C ALA A 150 -10.78 -15.06 8.40
N GLN A 151 -10.11 -15.90 9.18
CA GLN A 151 -10.37 -17.33 9.24
C GLN A 151 -10.52 -17.76 10.69
N LEU A 152 -11.36 -18.76 10.93
CA LEU A 152 -11.83 -19.10 12.26
C LEU A 152 -11.09 -20.34 12.74
N GLU A 153 -10.42 -20.22 13.89
CA GLU A 153 -9.61 -21.31 14.43
C GLU A 153 -9.65 -21.23 15.94
N ASP A 154 -10.13 -22.29 16.59
CA ASP A 154 -10.19 -22.38 18.04
C ASP A 154 -10.95 -21.19 18.64
N GLY A 155 -12.05 -20.83 18.00
CA GLY A 155 -12.85 -19.69 18.45
C GLY A 155 -12.36 -18.33 18.00
N ARG A 156 -11.06 -18.07 18.15
CA ARG A 156 -10.49 -16.84 17.64
C ARG A 156 -10.49 -16.83 16.11
N PHE A 157 -10.66 -15.63 15.55
CA PHE A 157 -10.37 -15.43 14.13
C PHE A 157 -8.90 -15.10 13.91
N VAL A 158 -8.36 -15.60 12.80
CA VAL A 158 -6.93 -15.53 12.51
C VAL A 158 -6.74 -14.89 11.15
N TYR A 159 -5.80 -13.94 11.07
CA TYR A 159 -5.49 -13.24 9.83
C TYR A 159 -4.03 -13.50 9.50
N ARG A 160 -3.79 -14.10 8.32
CA ARG A 160 -2.44 -14.46 7.90
C ARG A 160 -2.08 -13.68 6.65
N LEU A 161 -1.17 -12.73 6.81
CA LEU A 161 -0.45 -12.12 5.70
C LEU A 161 0.96 -12.71 5.64
N LEU A 162 1.03 -13.94 5.13
CA LEU A 162 2.27 -14.72 5.18
C LEU A 162 3.05 -14.55 3.88
N ARG A 163 4.37 -14.48 4.01
CA ARG A 163 5.29 -14.52 2.87
C ARG A 163 4.96 -13.43 1.85
N SER A 164 4.45 -12.31 2.33
CA SER A 164 4.43 -11.10 1.54
C SER A 164 5.86 -10.74 1.13
N PRO A 165 6.06 -10.35 -0.13
CA PRO A 165 7.43 -10.02 -0.58
C PRO A 165 7.88 -8.68 -0.06
N MET A 166 9.14 -8.62 0.35
CA MET A 166 9.73 -7.37 0.81
C MET A 166 9.71 -6.35 -0.31
N CYS A 167 9.48 -5.10 0.06
CA CYS A 167 9.63 -3.99 -0.88
C CYS A 167 11.07 -3.95 -1.38
N GLU A 168 11.22 -3.75 -2.69
CA GLU A 168 12.56 -3.73 -3.28
C GLU A 168 13.42 -2.65 -2.66
N TYR A 169 12.82 -1.56 -2.18
CA TYR A 169 13.61 -0.54 -1.51
C TYR A 169 14.30 -1.09 -0.27
N LEU A 170 13.58 -1.88 0.54
CA LEU A 170 14.22 -2.47 1.71
C LEU A 170 15.29 -3.48 1.33
N VAL A 171 15.03 -4.30 0.30
CA VAL A 171 15.99 -5.32 -0.10
C VAL A 171 17.31 -4.67 -0.50
N ASN A 172 17.23 -3.59 -1.29
CA ASN A 172 18.44 -2.91 -1.73
C ASN A 172 19.06 -2.06 -0.63
N PHE A 173 18.22 -1.44 0.21
CA PHE A 173 18.71 -0.81 1.44
C PHE A 173 19.51 -1.81 2.27
N LEU A 174 18.97 -3.03 2.43
CA LEU A 174 19.63 -4.03 3.26
C LEU A 174 20.99 -4.41 2.70
N HIS A 175 21.08 -4.58 1.38
CA HIS A 175 22.34 -4.95 0.74
C HIS A 175 23.38 -3.84 0.88
N LYS A 176 22.96 -2.59 0.72
CA LYS A 176 23.85 -1.47 1.02
C LYS A 176 24.21 -1.43 2.49
N LEU A 177 23.22 -1.61 3.37
CA LEU A 177 23.48 -1.37 4.79
C LEU A 177 24.46 -2.39 5.35
N ARG A 178 24.37 -3.65 4.90
CA ARG A 178 25.23 -4.70 5.42
C ARG A 178 26.70 -4.47 5.07
N GLN A 179 26.99 -3.73 3.99
CA GLN A 179 28.36 -3.55 3.55
C GLN A 179 29.05 -2.36 4.19
N LEU A 180 28.33 -1.58 4.99
CA LEU A 180 28.97 -0.52 5.75
C LEU A 180 30.02 -1.11 6.69
N PRO A 181 31.19 -0.49 6.81
CA PRO A 181 32.33 -1.15 7.48
C PRO A 181 32.28 -1.06 8.99
N GLU A 182 31.30 -0.34 9.55
CA GLU A 182 31.28 -0.02 10.97
C GLU A 182 29.84 -0.04 11.44
N ARG A 183 29.60 -0.72 12.58
CA ARG A 183 28.23 -0.90 13.05
C ARG A 183 27.63 0.42 13.52
N TYR A 184 28.44 1.28 14.13
CA TYR A 184 27.96 2.62 14.47
C TYR A 184 27.56 3.41 13.23
N MET A 185 28.11 3.06 12.06
CA MET A 185 27.68 3.69 10.82
C MET A 185 26.32 3.17 10.36
N MET A 186 26.05 1.88 10.55
CA MET A 186 24.71 1.36 10.26
C MET A 186 23.67 1.98 11.19
N ASN A 187 23.98 2.07 12.47
CA ASN A 187 23.07 2.71 13.42
C ASN A 187 22.90 4.19 13.15
N SER A 188 23.89 4.83 12.53
CA SER A 188 23.73 6.23 12.13
C SER A 188 22.75 6.37 10.98
N VAL A 189 22.84 5.46 9.99
CA VAL A 189 21.85 5.46 8.91
C VAL A 189 20.48 5.05 9.45
N LEU A 190 20.43 3.96 10.22
CA LEU A 190 19.16 3.42 10.69
C LEU A 190 18.44 4.36 11.65
N GLU A 191 19.15 5.35 12.19
CA GLU A 191 18.53 6.39 12.99
C GLU A 191 17.64 7.30 12.15
N ASN A 192 17.73 7.22 10.83
CA ASN A 192 16.90 7.99 9.92
C ASN A 192 15.91 7.12 9.16
N PHE A 193 15.78 5.85 9.51
CA PHE A 193 14.98 4.89 8.77
C PHE A 193 13.94 4.31 9.73
N THR A 194 12.66 4.57 9.43
CA THR A 194 11.57 4.14 10.29
C THR A 194 10.47 3.52 9.43
N ILE A 195 9.65 2.70 10.07
CA ILE A 195 8.49 2.10 9.42
C ILE A 195 7.27 2.31 10.32
N LEU A 196 6.18 2.79 9.74
CA LEU A 196 4.90 2.91 10.42
C LEU A 196 3.92 1.93 9.82
N GLN A 197 3.18 1.23 10.68
CA GLN A 197 2.36 0.09 10.29
C GLN A 197 0.99 0.25 10.93
N VAL A 198 -0.04 0.39 10.10
CA VAL A 198 -1.38 0.75 10.57
C VAL A 198 -2.35 -0.32 10.09
N VAL A 199 -3.05 -0.95 11.02
CA VAL A 199 -4.02 -1.99 10.71
C VAL A 199 -5.41 -1.43 10.96
N THR A 200 -6.26 -1.46 9.93
CA THR A 200 -7.55 -0.79 9.92
C THR A 200 -8.63 -1.82 9.59
N ASN A 201 -9.75 -1.75 10.30
CA ASN A 201 -10.97 -2.43 9.88
C ASN A 201 -11.44 -1.83 8.56
N ARG A 202 -11.36 -2.60 7.48
CA ARG A 202 -11.64 -2.05 6.15
C ARG A 202 -13.06 -1.53 6.07
N ASP A 203 -14.01 -2.23 6.68
CA ASP A 203 -15.42 -1.90 6.52
C ASP A 203 -15.83 -0.69 7.34
N THR A 204 -15.09 -0.35 8.40
CA THR A 204 -15.48 0.72 9.30
C THR A 204 -14.40 1.78 9.48
N GLN A 205 -13.27 1.67 8.78
CA GLN A 205 -12.26 2.73 8.68
C GLN A 205 -11.61 3.02 10.03
N GLU A 206 -11.45 1.98 10.84
CA GLU A 206 -11.58 2.08 12.29
C GLU A 206 -10.34 1.42 12.88
N LEU A 207 -9.53 2.21 13.59
CA LEU A 207 -8.12 1.86 13.75
C LEU A 207 -7.98 0.82 14.86
N LEU A 208 -7.30 -0.27 14.55
CA LEU A 208 -7.11 -1.36 15.49
C LEU A 208 -5.71 -1.42 16.08
N LEU A 209 -4.68 -1.05 15.32
CA LEU A 209 -3.31 -1.34 15.69
C LEU A 209 -2.40 -0.43 14.90
N CYS A 210 -1.61 0.38 15.60
CA CYS A 210 -0.58 1.21 14.99
C CYS A 210 0.76 0.92 15.65
N THR A 211 1.75 0.57 14.84
CA THR A 211 3.06 0.16 15.34
C THR A 211 4.13 0.97 14.63
N ALA A 212 4.91 1.72 15.41
CA ALA A 212 6.03 2.49 14.89
C ALA A 212 7.32 1.72 15.15
N TYR A 213 8.09 1.49 14.09
CA TYR A 213 9.34 0.75 14.17
C TYR A 213 10.52 1.71 14.07
N VAL A 214 11.42 1.65 15.04
CA VAL A 214 12.76 2.20 14.92
C VAL A 214 13.78 1.08 15.01
N PHE A 215 14.98 1.32 14.48
CA PHE A 215 15.93 0.27 14.19
C PHE A 215 17.32 0.63 14.69
N GLU A 216 18.00 -0.35 15.28
CA GLU A 216 19.45 -0.46 15.28
C GLU A 216 19.87 -1.77 14.65
N VAL A 217 21.18 -1.93 14.46
CA VAL A 217 21.77 -3.21 14.09
C VAL A 217 22.23 -3.92 15.37
N SER A 218 21.85 -5.19 15.49
CA SER A 218 22.39 -6.07 16.53
C SER A 218 23.80 -6.52 16.17
N THR A 219 24.43 -7.26 17.07
CA THR A 219 25.80 -7.71 16.88
C THR A 219 25.82 -9.02 16.10
N SER A 220 27.02 -9.59 15.93
CA SER A 220 27.13 -10.89 15.27
C SER A 220 26.59 -12.00 16.16
N GLU A 221 27.01 -12.03 17.42
CA GLU A 221 26.67 -13.16 18.28
C GLU A 221 25.20 -13.13 18.68
N ARG A 222 24.68 -11.96 19.02
CA ARG A 222 23.25 -11.77 19.21
C ARG A 222 22.54 -11.75 17.86
N GLY A 223 21.43 -12.45 17.77
CA GLY A 223 20.57 -12.38 16.61
C GLY A 223 19.67 -11.17 16.65
N ALA A 224 18.60 -11.23 15.85
CA ALA A 224 17.53 -10.25 15.94
C ALA A 224 17.02 -10.15 17.37
N GLN A 225 16.60 -8.94 17.75
CA GLN A 225 15.94 -8.74 19.04
C GLN A 225 15.07 -7.50 18.94
N HIS A 226 14.18 -7.35 19.92
CA HIS A 226 13.17 -6.29 19.89
C HIS A 226 12.79 -5.92 21.32
N HIS A 227 12.29 -4.70 21.47
CA HIS A 227 11.62 -4.29 22.69
C HIS A 227 10.38 -3.49 22.32
N ILE A 228 9.25 -3.80 22.96
CA ILE A 228 7.96 -3.20 22.64
C ILE A 228 7.63 -2.17 23.72
N TYR A 229 7.17 -1.00 23.31
CA TYR A 229 6.67 0.01 24.22
C TYR A 229 5.23 0.37 23.88
N ARG A 230 4.48 0.76 24.91
CA ARG A 230 3.29 1.59 24.71
C ARG A 230 3.69 2.98 24.24
N LEU A 231 2.80 3.61 23.48
CA LEU A 231 2.91 5.01 23.09
C LEU A 231 1.79 5.80 23.76
N VAL A 232 2.15 6.91 24.42
CA VAL A 232 1.26 7.60 25.35
C VAL A 232 1.35 9.10 25.06
N ARG A 233 0.43 9.85 25.65
CA ARG A 233 0.50 11.30 25.68
C ARG A 233 -0.10 11.87 26.96
N GLY B 9 -15.63 1.57 -25.03
CA GLY B 9 -15.24 2.05 -23.71
C GLY B 9 -14.21 1.18 -23.03
N LEU B 10 -13.89 1.53 -21.78
CA LEU B 10 -12.83 0.83 -21.05
C LEU B 10 -13.36 -0.51 -20.58
N GLY B 11 -12.95 -1.58 -21.25
CA GLY B 11 -13.35 -2.92 -20.84
C GLY B 11 -12.94 -4.01 -21.80
N THR B 12 -12.98 -5.25 -21.33
CA THR B 12 -12.85 -6.43 -22.17
C THR B 12 -14.15 -7.23 -22.09
N ALA B 13 -14.33 -8.14 -23.05
CA ALA B 13 -15.46 -9.07 -23.01
C ALA B 13 -15.62 -9.72 -21.65
N ARG B 14 -14.52 -9.81 -20.88
CA ARG B 14 -14.52 -10.51 -19.61
C ARG B 14 -14.80 -9.61 -18.42
N LEU B 15 -14.58 -8.29 -18.55
CA LEU B 15 -14.77 -7.36 -17.45
C LEU B 15 -14.91 -5.96 -18.01
N GLN B 16 -15.98 -5.26 -17.63
CA GLN B 16 -16.18 -3.86 -17.99
C GLN B 16 -16.07 -3.00 -16.74
N LEU B 17 -15.44 -1.83 -16.89
CA LEU B 17 -15.64 -0.71 -15.98
C LEU B 17 -16.97 -0.01 -16.30
N VAL B 18 -17.78 0.21 -15.26
CA VAL B 18 -19.03 0.96 -15.40
C VAL B 18 -18.95 2.32 -14.72
N GLU B 19 -18.28 2.42 -13.57
CA GLU B 19 -17.79 3.70 -13.08
C GLU B 19 -16.44 3.54 -12.40
N PHE B 20 -15.61 4.56 -12.57
CA PHE B 20 -14.56 4.92 -11.62
C PHE B 20 -14.73 6.40 -11.25
N SER B 21 -14.36 6.73 -10.01
CA SER B 21 -14.23 8.13 -9.62
C SER B 21 -13.36 8.25 -8.38
N ALA B 22 -12.57 9.33 -8.32
CA ALA B 22 -11.86 9.75 -7.12
C ALA B 22 -12.33 11.12 -6.70
N PHE B 23 -12.54 11.30 -5.39
CA PHE B 23 -13.42 12.37 -4.92
C PHE B 23 -13.00 12.82 -3.53
N VAL B 24 -13.47 14.00 -3.13
CA VAL B 24 -13.45 14.44 -1.75
C VAL B 24 -14.82 15.03 -1.39
N GLU B 25 -15.35 14.65 -0.24
CA GLU B 25 -16.43 15.36 0.43
C GLU B 25 -16.10 15.52 1.90
N PRO B 26 -16.69 16.53 2.57
CA PRO B 26 -16.27 16.85 3.94
C PRO B 26 -16.69 15.79 4.96
N GLN B 34 -23.23 17.37 -1.95
CA GLN B 34 -22.48 16.93 -3.14
C GLN B 34 -20.99 16.93 -2.87
N ARG B 35 -20.24 16.20 -3.70
CA ARG B 35 -18.83 15.95 -3.48
C ARG B 35 -18.03 16.40 -4.70
N HIS B 36 -16.76 16.70 -4.48
CA HIS B 36 -15.88 17.13 -5.56
C HIS B 36 -15.26 15.91 -6.23
N LEU B 37 -15.41 15.83 -7.56
CA LEU B 37 -14.77 14.81 -8.37
C LEU B 37 -13.46 15.39 -8.91
N PHE B 38 -12.34 14.96 -8.35
CA PHE B 38 -11.06 15.10 -9.06
C PHE B 38 -11.16 14.50 -10.45
N VAL B 39 -11.60 13.25 -10.53
CA VAL B 39 -11.67 12.52 -11.79
C VAL B 39 -12.91 11.64 -11.76
N HIS B 40 -13.46 11.34 -12.93
CA HIS B 40 -14.71 10.60 -13.02
C HIS B 40 -14.80 9.96 -14.39
N ILE B 41 -15.03 8.65 -14.42
CA ILE B 41 -15.46 7.93 -15.61
C ILE B 41 -16.79 7.27 -15.29
N SER B 42 -17.84 7.67 -16.00
CA SER B 42 -19.10 6.94 -16.02
C SER B 42 -19.31 6.31 -17.39
N GLN B 43 -19.77 5.07 -17.40
CA GLN B 43 -19.96 4.30 -18.63
C GLN B 43 -21.29 3.56 -18.58
N HIS B 44 -22.34 4.25 -18.15
CA HIS B 44 -23.67 3.65 -18.06
C HIS B 44 -24.50 3.87 -19.32
N PRO B 51 -18.00 5.06 -32.50
CA PRO B 51 -17.01 5.88 -31.78
C PRO B 51 -15.93 5.04 -31.10
N PRO B 52 -15.05 4.42 -31.90
CA PRO B 52 -14.11 3.47 -31.34
C PRO B 52 -12.95 4.15 -30.63
N LEU B 53 -12.43 3.48 -29.61
CA LEU B 53 -11.34 4.03 -28.81
C LEU B 53 -10.08 4.18 -29.64
N GLU B 54 -9.47 5.36 -29.58
CA GLU B 54 -8.20 5.60 -30.23
C GLU B 54 -7.09 4.82 -29.51
N SER B 55 -5.99 4.63 -30.21
CA SER B 55 -4.93 3.72 -29.77
C SER B 55 -3.65 4.49 -29.50
N VAL B 56 -2.84 3.93 -28.60
CA VAL B 56 -1.56 4.49 -28.21
C VAL B 56 -0.55 3.35 -28.14
N ASP B 57 0.65 3.60 -28.64
CA ASP B 57 1.73 2.62 -28.50
C ASP B 57 2.25 2.64 -27.07
N VAL B 58 2.32 1.45 -26.45
CA VAL B 58 2.69 1.35 -25.04
C VAL B 58 4.16 1.72 -24.83
N ARG B 59 5.01 1.48 -25.84
CA ARG B 59 6.44 1.75 -25.68
C ARG B 59 6.72 3.21 -25.37
N GLN B 60 5.82 4.12 -25.75
CA GLN B 60 6.06 5.55 -25.52
C GLN B 60 6.18 5.86 -24.04
N ILE B 61 5.44 5.16 -23.19
CA ILE B 61 5.29 5.53 -21.79
C ILE B 61 5.97 4.50 -20.88
N TYR B 62 6.93 3.76 -21.43
CA TYR B 62 7.71 2.81 -20.63
C TYR B 62 8.51 3.51 -19.54
N ASP B 63 9.01 4.71 -19.84
CA ASP B 63 9.79 5.47 -18.86
C ASP B 63 8.98 5.80 -17.61
N LYS B 64 7.67 6.00 -17.77
CA LYS B 64 6.87 6.60 -16.69
C LYS B 64 6.66 5.64 -15.53
N PHE B 65 6.93 4.35 -15.72
CA PHE B 65 6.41 3.31 -14.85
C PHE B 65 7.54 2.39 -14.40
N PRO B 66 7.40 1.77 -13.22
CA PRO B 66 8.57 1.16 -12.58
C PRO B 66 9.17 0.06 -13.44
N GLU B 67 10.50 -0.03 -13.41
CA GLU B 67 11.24 -0.81 -14.38
C GLU B 67 11.73 -2.09 -13.73
N LYS B 68 11.32 -3.23 -14.30
CA LYS B 68 11.47 -4.54 -13.66
C LYS B 68 10.89 -4.54 -12.24
N LYS B 69 9.70 -3.97 -12.08
CA LYS B 69 8.98 -3.94 -10.82
C LYS B 69 7.53 -4.37 -11.03
N GLY B 70 7.35 -5.51 -11.67
CA GLY B 70 6.04 -5.87 -12.18
C GLY B 70 5.53 -4.92 -13.23
N GLY B 71 6.39 -4.50 -14.16
CA GLY B 71 6.16 -3.27 -14.88
C GLY B 71 5.02 -3.39 -15.88
N LEU B 72 4.56 -2.22 -16.34
CA LEU B 72 3.74 -2.16 -17.54
C LEU B 72 4.41 -2.86 -18.71
N ARG B 73 5.75 -2.85 -18.75
CA ARG B 73 6.47 -3.67 -19.72
C ARG B 73 6.29 -5.16 -19.46
N GLU B 74 6.54 -5.60 -18.23
CA GLU B 74 6.35 -7.01 -17.90
C GLU B 74 4.90 -7.42 -18.08
N LEU B 75 3.97 -6.60 -17.59
CA LEU B 75 2.56 -6.94 -17.66
C LEU B 75 2.08 -7.07 -19.10
N TYR B 76 2.48 -6.13 -19.96
CA TYR B 76 2.05 -6.18 -21.35
C TYR B 76 2.59 -7.40 -22.06
N ASP B 77 3.84 -7.78 -21.77
CA ASP B 77 4.40 -9.00 -22.33
C ASP B 77 3.56 -10.22 -21.96
N ARG B 78 3.26 -10.39 -20.67
CA ARG B 78 2.53 -11.57 -20.22
C ARG B 78 1.10 -11.60 -20.73
N GLY B 79 0.59 -10.48 -21.22
CA GLY B 79 -0.70 -10.45 -21.85
C GLY B 79 -1.83 -10.46 -20.84
N PRO B 80 -3.08 -10.42 -21.32
CA PRO B 80 -3.40 -10.27 -22.74
C PRO B 80 -3.33 -8.81 -23.21
N PRO B 81 -2.67 -8.55 -24.35
CA PRO B 81 -2.41 -7.17 -24.75
C PRO B 81 -3.67 -6.35 -24.97
N HIS B 82 -4.82 -7.00 -25.23
CA HIS B 82 -6.05 -6.28 -25.48
C HIS B 82 -6.71 -5.77 -24.20
N ALA B 83 -6.21 -6.15 -23.03
CA ALA B 83 -6.76 -5.70 -21.75
C ALA B 83 -6.16 -4.38 -21.28
N PHE B 84 -5.23 -3.79 -22.04
CA PHE B 84 -4.37 -2.74 -21.53
C PHE B 84 -4.85 -1.39 -22.05
N PHE B 85 -5.11 -0.46 -21.13
CA PHE B 85 -5.72 0.82 -21.46
C PHE B 85 -4.91 1.95 -20.86
N LEU B 86 -4.89 3.07 -21.58
CA LEU B 86 -4.42 4.34 -21.05
C LEU B 86 -5.60 5.28 -20.86
N VAL B 87 -5.65 5.93 -19.70
CA VAL B 87 -6.52 7.08 -19.47
C VAL B 87 -5.63 8.29 -19.17
N LYS B 88 -5.90 9.40 -19.86
CA LYS B 88 -5.41 10.69 -19.43
C LYS B 88 -6.52 11.46 -18.72
N PHE B 89 -6.26 11.89 -17.50
CA PHE B 89 -7.13 12.80 -16.78
C PHE B 89 -6.64 14.23 -16.94
N TRP B 90 -7.58 15.16 -17.07
CA TRP B 90 -7.39 16.54 -16.63
C TRP B 90 -8.23 16.74 -15.37
N ALA B 91 -7.62 16.46 -14.22
CA ALA B 91 -8.30 16.55 -12.94
C ALA B 91 -8.47 18.01 -12.54
N ASP B 92 -9.54 18.27 -11.79
CA ASP B 92 -9.93 19.64 -11.47
C ASP B 92 -9.81 19.85 -9.96
N LEU B 93 -8.95 20.77 -9.57
CA LEU B 93 -8.31 20.78 -8.26
C LEU B 93 -8.82 21.93 -7.40
N ASN B 94 -10.13 22.20 -7.46
CA ASN B 94 -10.71 23.43 -6.93
C ASN B 94 -11.85 23.05 -6.01
N TRP B 95 -11.54 22.87 -4.73
CA TRP B 95 -12.55 22.64 -3.71
C TRP B 95 -12.17 23.39 -2.44
N GLY B 112 -11.93 16.06 5.55
CA GLY B 112 -12.98 15.08 5.40
C GLY B 112 -12.48 13.75 4.88
N PHE B 113 -13.10 13.26 3.80
CA PHE B 113 -12.86 11.92 3.30
C PHE B 113 -12.42 12.02 1.85
N TYR B 114 -11.22 11.50 1.55
CA TYR B 114 -10.75 11.34 0.19
C TYR B 114 -10.93 9.89 -0.21
N GLY B 115 -11.65 9.65 -1.29
CA GLY B 115 -12.15 8.32 -1.59
C GLY B 115 -12.01 8.01 -3.06
N VAL B 116 -11.88 6.73 -3.36
CA VAL B 116 -12.06 6.19 -4.70
C VAL B 116 -13.18 5.18 -4.67
N SER B 117 -14.13 5.32 -5.58
CA SER B 117 -15.13 4.31 -5.88
C SER B 117 -14.92 3.82 -7.30
N SER B 118 -14.91 2.50 -7.47
CA SER B 118 -14.85 1.89 -8.79
C SER B 118 -15.76 0.67 -8.84
N GLN B 119 -16.48 0.51 -9.93
CA GLN B 119 -17.42 -0.59 -10.09
C GLN B 119 -17.16 -1.26 -11.42
N TYR B 120 -17.04 -2.58 -11.40
CA TYR B 120 -16.82 -3.37 -12.60
C TYR B 120 -18.02 -4.28 -12.84
N GLU B 121 -17.91 -5.13 -13.86
CA GLU B 121 -19.05 -5.85 -14.40
C GLU B 121 -18.53 -7.04 -15.19
N SER B 122 -19.19 -8.19 -15.05
CA SER B 122 -18.95 -9.31 -15.95
C SER B 122 -20.17 -10.23 -15.91
N LEU B 123 -20.20 -11.16 -16.86
CA LEU B 123 -21.11 -12.29 -16.84
C LEU B 123 -20.54 -13.51 -16.13
N GLU B 124 -19.22 -13.59 -16.01
CA GLU B 124 -18.55 -14.62 -15.24
C GLU B 124 -18.63 -14.32 -13.75
N HIS B 125 -18.69 -15.37 -12.94
CA HIS B 125 -18.51 -15.23 -11.49
C HIS B 125 -17.03 -15.32 -11.14
N MET B 126 -16.51 -14.28 -10.52
CA MET B 126 -15.10 -14.16 -10.21
C MET B 126 -14.93 -13.53 -8.84
N THR B 127 -13.76 -13.73 -8.25
CA THR B 127 -13.21 -12.81 -7.26
C THR B 127 -12.06 -12.02 -7.90
N LEU B 128 -12.09 -10.70 -7.73
CA LEU B 128 -11.08 -9.81 -8.30
C LEU B 128 -10.02 -9.49 -7.26
N THR B 129 -8.77 -9.45 -7.70
CA THR B 129 -7.74 -8.63 -7.07
C THR B 129 -7.57 -7.34 -7.86
N CYS B 130 -7.68 -6.21 -7.18
CA CYS B 130 -7.37 -4.90 -7.75
C CYS B 130 -6.12 -4.36 -7.07
N SER B 131 -5.09 -4.08 -7.85
CA SER B 131 -3.88 -3.44 -7.37
C SER B 131 -3.80 -2.02 -7.92
N SER B 132 -3.44 -1.07 -7.06
CA SER B 132 -3.12 0.29 -7.47
C SER B 132 -1.65 0.56 -7.17
N LYS B 133 -0.91 0.96 -8.20
CA LYS B 133 0.50 1.31 -8.05
C LYS B 133 0.69 2.77 -8.40
N VAL B 134 1.10 3.57 -7.42
CA VAL B 134 1.38 4.99 -7.60
C VAL B 134 2.87 5.17 -7.73
N CYS B 135 3.29 5.97 -8.71
CA CYS B 135 4.71 6.18 -9.01
C CYS B 135 5.01 7.66 -9.05
N SER B 136 6.07 8.07 -8.35
CA SER B 136 6.71 9.36 -8.57
C SER B 136 8.09 9.14 -9.17
N PHE B 137 8.34 9.77 -10.31
CA PHE B 137 9.66 9.76 -10.97
C PHE B 137 10.12 8.32 -11.23
N GLY B 138 9.19 7.49 -11.66
CA GLY B 138 9.46 6.08 -11.94
C GLY B 138 9.65 5.22 -10.71
N LYS B 139 9.87 5.86 -9.57
CA LYS B 139 9.83 5.17 -8.29
C LYS B 139 8.39 4.85 -7.92
N GLN B 140 8.07 3.57 -7.78
CA GLN B 140 6.81 3.18 -7.16
C GLN B 140 6.82 3.54 -5.68
N VAL B 141 5.82 4.32 -5.26
CA VAL B 141 5.76 4.83 -3.89
C VAL B 141 4.48 4.43 -3.16
N VAL B 142 3.46 3.93 -3.86
CA VAL B 142 2.39 3.15 -3.25
C VAL B 142 2.16 1.89 -4.07
N GLU B 143 1.89 0.78 -3.40
CA GLU B 143 1.05 -0.29 -3.95
C GLU B 143 -0.07 -0.60 -2.97
N LYS B 144 -1.31 -0.48 -3.44
CA LYS B 144 -2.49 -0.88 -2.68
C LYS B 144 -3.19 -2.06 -3.38
N VAL B 145 -3.48 -3.10 -2.62
CA VAL B 145 -4.03 -4.34 -3.14
C VAL B 145 -5.32 -4.68 -2.39
N GLU B 146 -6.32 -5.19 -3.11
CA GLU B 146 -7.69 -5.18 -2.62
C GLU B 146 -8.49 -6.23 -3.39
N THR B 147 -9.57 -6.72 -2.77
CA THR B 147 -10.29 -7.90 -3.22
C THR B 147 -11.79 -7.62 -3.16
N GLU B 148 -12.52 -8.03 -4.19
CA GLU B 148 -13.98 -7.93 -4.17
C GLU B 148 -14.60 -9.15 -4.85
N ARG B 149 -15.56 -9.78 -4.16
CA ARG B 149 -16.31 -10.88 -4.75
C ARG B 149 -17.40 -10.36 -5.68
N ALA B 150 -17.83 -11.22 -6.59
CA ALA B 150 -18.99 -10.93 -7.43
C ALA B 150 -20.24 -10.76 -6.57
N GLN B 151 -21.10 -9.84 -6.98
CA GLN B 151 -22.49 -9.78 -6.53
C GLN B 151 -23.41 -9.96 -7.72
N LEU B 152 -24.35 -10.90 -7.62
CA LEU B 152 -25.37 -11.05 -8.64
C LEU B 152 -26.30 -9.83 -8.65
N GLU B 153 -26.56 -9.30 -9.83
CA GLU B 153 -27.48 -8.17 -9.98
C GLU B 153 -27.91 -8.02 -11.45
N ASP B 154 -29.22 -8.09 -11.70
CA ASP B 154 -29.78 -7.90 -13.04
C ASP B 154 -29.13 -8.85 -14.06
N GLY B 155 -28.97 -10.11 -13.66
CA GLY B 155 -28.41 -11.11 -14.55
C GLY B 155 -26.97 -10.89 -14.92
N ARG B 156 -26.31 -9.93 -14.30
CA ARG B 156 -24.88 -9.71 -14.43
C ARG B 156 -24.22 -9.93 -13.07
N PHE B 157 -22.89 -9.85 -13.05
CA PHE B 157 -22.13 -9.78 -11.81
C PHE B 157 -21.52 -8.39 -11.68
N VAL B 158 -21.80 -7.73 -10.57
CA VAL B 158 -21.24 -6.42 -10.26
C VAL B 158 -20.11 -6.60 -9.25
N TYR B 159 -19.08 -5.77 -9.39
CA TYR B 159 -17.99 -5.70 -8.41
C TYR B 159 -17.84 -4.25 -7.98
N ARG B 160 -17.97 -4.01 -6.67
CA ARG B 160 -18.14 -2.65 -6.15
C ARG B 160 -17.10 -2.43 -5.05
N LEU B 161 -16.02 -1.72 -5.38
CA LEU B 161 -15.09 -1.20 -4.39
C LEU B 161 -15.35 0.29 -4.16
N LEU B 162 -16.44 0.56 -3.43
CA LEU B 162 -16.96 1.91 -3.33
C LEU B 162 -16.46 2.58 -2.05
N ARG B 163 -16.16 3.87 -2.15
CA ARG B 163 -15.70 4.69 -1.02
C ARG B 163 -14.45 4.08 -0.36
N SER B 164 -13.62 3.44 -1.15
CA SER B 164 -12.31 3.01 -0.66
C SER B 164 -11.44 4.23 -0.38
N PRO B 165 -10.82 4.33 0.79
CA PRO B 165 -10.10 5.55 1.16
C PRO B 165 -8.89 5.75 0.27
N MET B 166 -8.75 6.97 -0.25
CA MET B 166 -7.68 7.29 -1.19
C MET B 166 -6.32 7.09 -0.52
N CYS B 167 -5.35 6.63 -1.30
CA CYS B 167 -3.94 6.59 -0.88
C CYS B 167 -3.57 7.83 -0.10
N GLU B 168 -2.95 7.61 1.06
CA GLU B 168 -2.59 8.74 1.92
C GLU B 168 -1.43 9.55 1.34
N TYR B 169 -0.58 8.92 0.53
CA TYR B 169 0.38 9.67 -0.28
C TYR B 169 -0.33 10.64 -1.21
N LEU B 170 -1.40 10.17 -1.88
CA LEU B 170 -2.12 11.04 -2.81
C LEU B 170 -2.77 12.22 -2.09
N VAL B 171 -3.34 11.97 -0.91
CA VAL B 171 -4.00 13.05 -0.16
C VAL B 171 -2.98 14.12 0.23
N ASN B 172 -1.83 13.69 0.75
CA ASN B 172 -0.75 14.63 1.05
C ASN B 172 -0.32 15.37 -0.21
N PHE B 173 -0.10 14.63 -1.30
CA PHE B 173 0.37 15.23 -2.54
C PHE B 173 -0.66 16.22 -3.09
N LEU B 174 -1.95 15.85 -3.05
CA LEU B 174 -2.99 16.73 -3.59
C LEU B 174 -3.08 18.03 -2.81
N HIS B 175 -2.89 17.98 -1.49
CA HIS B 175 -2.95 19.19 -0.67
C HIS B 175 -1.74 20.08 -0.92
N LYS B 176 -0.57 19.50 -1.18
CA LYS B 176 0.55 20.29 -1.66
C LYS B 176 0.26 20.87 -3.03
N LEU B 177 -0.31 20.07 -3.93
CA LEU B 177 -0.43 20.47 -5.34
C LEU B 177 -1.37 21.67 -5.49
N ARG B 178 -2.50 21.65 -4.76
CA ARG B 178 -3.49 22.71 -4.84
C ARG B 178 -2.94 24.07 -4.41
N GLN B 179 -1.87 24.08 -3.62
CA GLN B 179 -1.28 25.34 -3.15
C GLN B 179 -0.52 26.06 -4.25
N LEU B 180 -0.18 25.37 -5.34
CA LEU B 180 0.63 25.97 -6.39
C LEU B 180 -0.14 27.09 -7.07
N PRO B 181 0.50 28.22 -7.36
CA PRO B 181 -0.23 29.40 -7.83
C PRO B 181 -0.56 29.41 -9.32
N GLU B 182 -0.15 28.39 -10.07
CA GLU B 182 -0.36 28.37 -11.51
C GLU B 182 -0.63 26.94 -11.96
N ARG B 183 -1.66 26.77 -12.78
CA ARG B 183 -2.00 25.43 -13.26
C ARG B 183 -0.89 24.82 -14.11
N TYR B 184 -0.04 25.65 -14.71
CA TYR B 184 1.10 25.11 -15.43
C TYR B 184 2.18 24.59 -14.48
N MET B 185 2.27 25.16 -13.28
CA MET B 185 3.17 24.59 -12.28
C MET B 185 2.67 23.25 -11.75
N MET B 186 1.35 23.10 -11.62
CA MET B 186 0.80 21.80 -11.25
C MET B 186 1.13 20.73 -12.30
N ASN B 187 1.12 21.11 -13.58
CA ASN B 187 1.30 20.12 -14.64
C ASN B 187 2.75 19.64 -14.71
N SER B 188 3.71 20.53 -14.42
CA SER B 188 5.11 20.12 -14.37
C SER B 188 5.33 19.08 -13.28
N VAL B 189 4.78 19.32 -12.09
CA VAL B 189 4.84 18.32 -11.02
C VAL B 189 4.12 17.04 -11.46
N LEU B 190 2.97 17.17 -12.11
CA LEU B 190 2.16 16.00 -12.44
C LEU B 190 2.72 15.21 -13.61
N GLU B 191 3.63 15.79 -14.39
CA GLU B 191 4.32 15.02 -15.43
C GLU B 191 5.02 13.80 -14.84
N ASN B 192 5.49 13.90 -13.60
CA ASN B 192 6.36 12.89 -13.00
C ASN B 192 5.57 11.88 -12.18
N PHE B 193 4.25 11.79 -12.40
CA PHE B 193 3.33 11.14 -11.49
C PHE B 193 2.35 10.29 -12.29
N THR B 194 2.17 9.03 -11.89
CA THR B 194 1.39 8.07 -12.65
C THR B 194 0.74 7.08 -11.69
N ILE B 195 -0.45 6.61 -12.05
CA ILE B 195 -1.11 5.48 -11.40
C ILE B 195 -1.18 4.33 -12.39
N LEU B 196 -0.95 3.11 -11.90
CA LEU B 196 -1.21 1.89 -12.67
C LEU B 196 -2.13 0.98 -11.87
N GLN B 197 -3.24 0.57 -12.49
CA GLN B 197 -4.22 -0.32 -11.86
C GLN B 197 -4.27 -1.63 -12.63
N VAL B 198 -4.07 -2.74 -11.92
CA VAL B 198 -4.13 -4.06 -12.52
C VAL B 198 -5.21 -4.86 -11.81
N VAL B 199 -6.20 -5.33 -12.57
CA VAL B 199 -7.28 -6.16 -12.05
C VAL B 199 -7.07 -7.57 -12.59
N THR B 200 -6.96 -8.54 -11.68
CA THR B 200 -6.82 -9.94 -12.04
C THR B 200 -7.87 -10.77 -11.34
N ASN B 201 -8.37 -11.79 -12.04
CA ASN B 201 -8.98 -12.95 -11.39
C ASN B 201 -8.10 -13.45 -10.24
N ARG B 202 -8.62 -13.39 -9.01
CA ARG B 202 -7.85 -13.87 -7.87
C ARG B 202 -7.48 -15.33 -8.03
N ASP B 203 -8.44 -16.16 -8.44
CA ASP B 203 -8.30 -17.61 -8.35
C ASP B 203 -7.41 -18.16 -9.46
N THR B 204 -7.45 -17.56 -10.65
CA THR B 204 -6.67 -18.03 -11.78
C THR B 204 -5.45 -17.15 -12.07
N GLN B 205 -5.38 -15.96 -11.47
CA GLN B 205 -4.24 -15.04 -11.53
C GLN B 205 -4.03 -14.41 -12.90
N GLU B 206 -4.88 -14.70 -13.88
CA GLU B 206 -4.75 -14.09 -15.19
C GLU B 206 -5.27 -12.65 -15.16
N LEU B 207 -4.58 -11.77 -15.88
CA LEU B 207 -4.91 -10.35 -15.83
C LEU B 207 -6.19 -10.09 -16.62
N LEU B 208 -7.16 -9.44 -15.99
CA LEU B 208 -8.39 -9.06 -16.65
C LEU B 208 -8.35 -7.66 -17.26
N LEU B 209 -7.66 -6.73 -16.62
CA LEU B 209 -7.80 -5.32 -16.94
C LEU B 209 -6.63 -4.57 -16.34
N CYS B 210 -5.96 -3.76 -17.15
CA CYS B 210 -4.77 -3.03 -16.73
C CYS B 210 -4.82 -1.63 -17.31
N THR B 211 -4.85 -0.63 -16.44
CA THR B 211 -5.14 0.74 -16.85
C THR B 211 -4.00 1.64 -16.36
N ALA B 212 -3.34 2.31 -17.30
CA ALA B 212 -2.38 3.34 -16.98
C ALA B 212 -3.06 4.70 -16.97
N TYR B 213 -2.70 5.52 -15.98
CA TYR B 213 -3.26 6.86 -15.82
C TYR B 213 -2.13 7.88 -15.92
N VAL B 214 -2.35 8.92 -16.71
CA VAL B 214 -1.52 10.12 -16.70
C VAL B 214 -2.40 11.32 -16.46
N PHE B 215 -1.79 12.41 -15.99
CA PHE B 215 -2.51 13.42 -15.23
C PHE B 215 -2.12 14.81 -15.74
N GLU B 216 -3.13 15.68 -15.82
CA GLU B 216 -2.93 17.12 -15.89
C GLU B 216 -3.99 17.80 -15.03
N VAL B 217 -3.98 19.13 -15.03
CA VAL B 217 -4.99 19.93 -14.35
C VAL B 217 -5.61 20.87 -15.37
N SER B 218 -6.94 20.91 -15.40
CA SER B 218 -7.65 21.77 -16.34
C SER B 218 -7.94 23.13 -15.69
N THR B 219 -8.53 24.03 -16.48
CA THR B 219 -8.99 25.31 -15.96
C THR B 219 -10.32 25.14 -15.21
N SER B 220 -10.63 26.11 -14.36
CA SER B 220 -11.65 25.92 -13.34
C SER B 220 -13.02 25.75 -13.96
N GLU B 221 -13.35 26.59 -14.96
CA GLU B 221 -14.61 26.42 -15.68
C GLU B 221 -14.61 25.10 -16.45
N ARG B 222 -13.56 24.83 -17.22
CA ARG B 222 -13.49 23.67 -18.09
C ARG B 222 -13.21 22.44 -17.24
N GLY B 223 -14.27 21.76 -16.83
CA GLY B 223 -14.20 20.86 -15.68
C GLY B 223 -13.44 19.58 -15.99
N ALA B 224 -13.49 18.67 -15.02
CA ALA B 224 -12.79 17.40 -15.14
C ALA B 224 -13.17 16.68 -16.43
N GLN B 225 -12.16 16.44 -17.26
CA GLN B 225 -12.31 15.73 -18.52
C GLN B 225 -11.40 14.52 -18.50
N HIS B 226 -11.72 13.51 -19.32
CA HIS B 226 -10.80 12.40 -19.50
C HIS B 226 -10.81 11.97 -20.96
N HIS B 227 -9.91 11.03 -21.28
CA HIS B 227 -9.81 10.46 -22.61
C HIS B 227 -9.18 9.09 -22.47
N ILE B 228 -9.84 8.07 -23.02
CA ILE B 228 -9.46 6.68 -22.80
C ILE B 228 -8.88 6.13 -24.10
N TYR B 229 -7.67 5.59 -24.01
CA TYR B 229 -6.98 4.99 -25.15
C TYR B 229 -6.82 3.50 -24.89
N ARG B 230 -6.53 2.75 -25.96
CA ARG B 230 -6.00 1.40 -25.81
C ARG B 230 -4.51 1.37 -26.13
N LEU B 231 -3.78 0.53 -25.38
CA LEU B 231 -2.35 0.39 -25.51
C LEU B 231 -2.03 -0.77 -26.44
N VAL B 232 -1.17 -0.53 -27.42
CA VAL B 232 -0.86 -1.49 -28.47
C VAL B 232 0.65 -1.54 -28.65
N ARG B 233 1.09 -2.52 -29.44
CA ARG B 233 2.51 -2.69 -29.72
C ARG B 233 2.72 -3.57 -30.95
N1 EI2 C . 11.62 -5.37 7.75
C4 EI2 C . 8.08 -4.01 7.67
C5 EI2 C . 7.89 -3.69 9.01
C6 EI2 C . 8.93 -3.93 9.89
C7 EI2 C . 10.16 -4.49 9.48
C8 EI2 C . 10.43 -4.82 8.16
C10 EI2 C . 13.95 -5.41 7.27
C13 EI2 C . 16.89 -3.44 8.67
C15 EI2 C . 13.15 -3.90 8.94
C17 EI2 C . 9.24 -4.80 5.71
N EI2 C . 7.90 -4.27 5.39
C EI2 C . 7.40 -4.18 4.16
O EI2 C . 6.20 -4.26 3.94
C1 EI2 C . 8.36 -3.95 3.02
C11 EI2 C . 15.24 -4.94 7.48
C12 EI2 C . 15.50 -3.96 8.42
C14 EI2 C . 14.44 -3.44 9.15
C16 EI2 C . 9.33 -4.57 7.20
C2 EI2 C . 8.02 -2.64 2.35
C3 EI2 C . 7.11 -3.83 6.54
C9 EI2 C . 12.87 -4.88 7.99
F EI2 C . 17.24 -2.59 7.72
F1 EI2 C . 16.91 -2.82 9.84
F2 EI2 C . 17.75 -4.44 8.70
N1 EI2 D . -7.19 9.84 -8.21
C4 EI2 D . -6.40 6.16 -8.36
C5 EI2 D . -6.38 5.94 -9.73
C6 EI2 D . -6.65 7.02 -10.57
C7 EI2 D . -6.92 8.32 -10.10
C8 EI2 D . -6.94 8.62 -8.73
C10 EI2 D . -7.10 12.20 -8.17
C13 EI2 D . -4.57 14.64 -9.56
C15 EI2 D . -5.34 10.96 -9.23
C17 EI2 D . -6.62 7.47 -6.33
N EI2 D . -6.10 6.12 -6.07
C EI2 D . -5.62 5.79 -4.88
O EI2 D . -6.05 6.24 -3.84
C1 EI2 D . -4.47 4.81 -4.86
C11 EI2 D . -6.46 13.39 -8.50
C12 EI2 D . -5.27 13.35 -9.20
C14 EI2 D . -4.70 12.14 -9.57
C16 EI2 D . -6.67 7.48 -7.83
C2 EI2 D . -4.40 4.23 -3.47
C3 EI2 D . -6.15 5.20 -7.23
C9 EI2 D . -6.55 10.98 -8.54
F EI2 D . -4.38 14.65 -10.87
F1 EI2 D . -5.33 15.65 -9.21
F2 EI2 D . -3.41 14.71 -8.95
#